data_2GWD
#
_entry.id   2GWD
#
_cell.length_a   54.810
_cell.length_b   54.810
_cell.length_c   518.040
_cell.angle_alpha   90.00
_cell.angle_beta   90.00
_cell.angle_gamma   120.00
#
_symmetry.space_group_name_H-M   'P 61 2 2'
#
loop_
_entity.id
_entity.type
_entity.pdbx_description
1 polymer 'Glutamate cysteine ligase'
2 non-polymer 'MAGNESIUM ION'
3 non-polymer 'ACETATE ION'
4 non-polymer 'GLUTAMIC ACID'
5 water water
#
_entity_poly.entity_id   1
_entity_poly.type   'polypeptide(L)'
_entity_poly.pdbx_seq_one_letter_code
;AASPPTEEAVVATEPLTREDLIAYLASGCKSKEKWRIGTEHEKFGFEVNTLRPMKYDQIAELLNSIAERFEWEKVMEGDK
IIGLKQGKQSISLEPGGQFELSGAPLETLHQTCAEVNSHLYQVKAVAEEMGIGFLGMGFQPKWRREDIPTMPKGRYDIMR
NYMPKVGSLGLDMMLRTCTVQVNLDFSSEADMIRKFRAGLALQPIATALFANSPFTEGKPNGFLSMRSHIWTDTDKDRTG
MLPFVFDDSFGFEQYVDYALDVPMYFAYRNGKYVDCTGMTFRQFLAGKLPCLPGELPTYNDWENHLTTIFPEVRLKRYME
MRGADGGPWRRLCALPAFWVGLLYDEDVLQSVLDLTADWTPAEREMLRNKVPVTGLKTPFRDGLLKHVAEDVLKLAKDGL
ERRGYKEVGFLNAVTEVVRTGVTPAENLLEMYNGEWGQSVDPVFQELLY
;
_entity_poly.pdbx_strand_id   A
#
# COMPACT_ATOMS: atom_id res chain seq x y z
N GLU A 14 26.64 18.71 -14.28
CA GLU A 14 25.60 18.67 -15.36
C GLU A 14 24.23 18.37 -14.73
N PRO A 15 23.34 19.38 -14.66
CA PRO A 15 22.09 19.19 -13.90
C PRO A 15 21.13 18.17 -14.54
N LEU A 16 20.26 17.61 -13.71
CA LEU A 16 19.23 16.70 -14.19
C LEU A 16 18.25 17.44 -15.09
N THR A 17 17.71 16.72 -16.07
CA THR A 17 16.66 17.23 -16.94
C THR A 17 15.46 16.32 -16.87
N ARG A 18 14.36 16.82 -17.41
CA ARG A 18 13.15 16.04 -17.57
C ARG A 18 13.42 14.69 -18.23
N GLU A 19 14.29 14.69 -19.23
CA GLU A 19 14.62 13.46 -19.94
C GLU A 19 15.32 12.46 -19.03
N ASP A 20 16.17 12.93 -18.13
CA ASP A 20 16.80 12.09 -17.11
C ASP A 20 15.80 11.45 -16.17
N LEU A 21 14.78 12.22 -15.80
CA LEU A 21 13.73 11.75 -14.87
C LEU A 21 12.91 10.59 -15.48
N ILE A 22 12.69 10.70 -16.79
CA ILE A 22 12.06 9.65 -17.63
C ILE A 22 12.94 8.41 -17.67
N ALA A 23 14.21 8.60 -17.97
CA ALA A 23 15.20 7.52 -17.96
C ALA A 23 15.31 6.80 -16.62
N TYR A 24 15.12 7.53 -15.53
CA TYR A 24 15.16 6.93 -14.19
C TYR A 24 14.05 5.91 -14.04
N LEU A 25 12.84 6.26 -14.46
CA LEU A 25 11.74 5.30 -14.43
C LEU A 25 12.08 4.11 -15.35
N ALA A 26 12.52 4.43 -16.56
CA ALA A 26 12.90 3.41 -17.58
C ALA A 26 14.00 2.42 -17.16
N SER A 27 14.88 2.86 -16.26
CA SER A 27 15.98 2.03 -15.74
C SER A 27 15.47 0.90 -14.85
N GLY A 28 14.19 0.94 -14.48
CA GLY A 28 13.56 -0.19 -13.78
C GLY A 28 13.32 -1.41 -14.65
N CYS A 29 13.44 -1.25 -15.97
CA CYS A 29 13.11 -2.33 -16.92
C CYS A 29 14.02 -3.52 -16.70
N LYS A 30 13.41 -4.70 -16.49
CA LYS A 30 14.12 -5.95 -16.18
C LYS A 30 13.57 -7.12 -17.00
N SER A 31 14.49 -7.99 -17.46
CA SER A 31 14.13 -9.25 -18.13
C SER A 31 13.27 -10.11 -17.23
N LYS A 32 12.38 -10.91 -17.83
CA LYS A 32 11.42 -11.72 -17.06
C LYS A 32 12.08 -12.57 -15.98
N GLU A 33 13.26 -13.11 -16.28
CA GLU A 33 13.98 -13.94 -15.33
C GLU A 33 14.46 -13.13 -14.11
N LYS A 34 14.59 -11.82 -14.29
CA LYS A 34 15.01 -10.95 -13.20
C LYS A 34 13.84 -10.34 -12.44
N TRP A 35 12.60 -10.65 -12.81
CA TRP A 35 11.44 -10.12 -12.10
C TRP A 35 11.40 -10.70 -10.70
N ARG A 36 11.07 -9.85 -9.72
CA ARG A 36 10.92 -10.27 -8.35
C ARG A 36 9.62 -9.72 -7.73
N ILE A 37 9.34 -10.16 -6.51
CA ILE A 37 8.12 -9.83 -5.81
C ILE A 37 8.54 -9.15 -4.49
N GLY A 38 8.18 -7.88 -4.35
CA GLY A 38 8.42 -7.12 -3.11
C GLY A 38 7.11 -6.90 -2.39
N THR A 39 6.99 -7.39 -1.16
CA THR A 39 5.72 -7.32 -0.43
C THR A 39 5.93 -6.43 0.81
N GLU A 40 5.03 -5.46 0.98
CA GLU A 40 5.01 -4.58 2.14
C GLU A 40 3.68 -4.72 2.85
N HIS A 41 3.73 -4.71 4.17
CA HIS A 41 2.51 -4.69 4.97
C HIS A 41 2.73 -3.89 6.24
N GLU A 42 1.63 -3.35 6.77
CA GLU A 42 1.61 -2.48 7.93
C GLU A 42 0.65 -3.08 8.96
N LYS A 43 0.95 -2.88 10.22
CA LYS A 43 0.19 -3.45 11.36
C LYS A 43 0.01 -2.43 12.50
N PHE A 44 -1.16 -2.43 13.12
CA PHE A 44 -1.40 -1.63 14.34
C PHE A 44 -0.91 -2.37 15.59
N GLY A 45 -0.01 -1.75 16.35
CA GLY A 45 0.41 -2.28 17.64
C GLY A 45 -0.52 -1.76 18.73
N PHE A 46 -0.79 -2.59 19.72
CA PHE A 46 -1.68 -2.22 20.81
C PHE A 46 -1.30 -2.92 22.11
N GLU A 47 -1.58 -2.27 23.21
CA GLU A 47 -1.43 -2.88 24.54
C GLU A 47 -2.52 -3.91 24.75
N VAL A 48 -2.11 -5.14 25.07
CA VAL A 48 -3.06 -6.25 25.18
C VAL A 48 -4.15 -5.99 26.22
N ASN A 49 -3.80 -5.32 27.31
CA ASN A 49 -4.75 -5.15 28.43
C ASN A 49 -5.75 -4.02 28.17
N THR A 50 -5.27 -2.90 27.66
CA THR A 50 -6.07 -1.70 27.51
C THR A 50 -6.55 -1.51 26.07
N LEU A 51 -5.93 -2.21 25.13
CA LEU A 51 -6.16 -2.03 23.68
C LEU A 51 -5.62 -0.72 23.14
N ARG A 52 -5.02 0.10 24.00
CA ARG A 52 -4.47 1.39 23.62
C ARG A 52 -3.43 1.23 22.53
N PRO A 53 -3.37 2.21 21.61
CA PRO A 53 -2.39 2.14 20.52
C PRO A 53 -0.97 2.26 21.07
N MET A 54 -0.09 1.44 20.53
CA MET A 54 1.28 1.39 21.01
C MET A 54 1.99 2.76 20.79
N LYS A 55 2.71 3.19 21.82
CA LYS A 55 3.34 4.53 21.86
C LYS A 55 4.76 4.45 21.30
N TYR A 56 5.37 5.60 21.00
CA TYR A 56 6.73 5.61 20.43
C TYR A 56 7.77 4.95 21.34
N ASP A 57 7.68 5.17 22.64
CA ASP A 57 8.64 4.59 23.58
C ASP A 57 8.64 3.06 23.54
N GLN A 58 7.43 2.47 23.43
CA GLN A 58 7.27 1.03 23.24
C GLN A 58 7.80 0.60 21.88
N ILE A 59 7.48 1.37 20.85
CA ILE A 59 8.00 1.08 19.50
C ILE A 59 9.54 1.05 19.45
N ALA A 60 10.20 1.99 20.13
CA ALA A 60 11.65 2.06 20.12
C ALA A 60 12.26 0.85 20.82
N GLU A 61 11.65 0.43 21.93
CA GLU A 61 12.08 -0.79 22.60
C GLU A 61 11.94 -1.99 21.66
N LEU A 62 10.76 -2.14 21.05
CA LEU A 62 10.52 -3.20 20.05
C LEU A 62 11.62 -3.24 18.95
N LEU A 63 11.84 -2.12 18.29
CA LEU A 63 12.87 -2.01 17.26
C LEU A 63 14.25 -2.38 17.79
N ASN A 64 14.66 -1.79 18.93
CA ASN A 64 15.99 -2.07 19.54
C ASN A 64 16.23 -3.56 19.88
N SER A 65 15.18 -4.19 20.40
CA SER A 65 15.22 -5.57 20.81
C SER A 65 15.30 -6.50 19.59
N ILE A 66 14.48 -6.24 18.56
CA ILE A 66 14.57 -6.99 17.29
C ILE A 66 15.97 -6.88 16.66
N ALA A 67 16.57 -5.69 16.77
CA ALA A 67 17.86 -5.41 16.17
C ALA A 67 18.94 -6.25 16.84
N GLU A 68 18.89 -6.29 18.16
CA GLU A 68 19.87 -7.01 18.95
C GLU A 68 19.68 -8.52 18.83
N ARG A 69 18.43 -8.98 18.95
CA ARG A 69 18.16 -10.43 18.94
C ARG A 69 18.37 -11.09 17.58
N PHE A 70 17.97 -10.38 16.53
CA PHE A 70 17.84 -10.97 15.20
C PHE A 70 18.74 -10.28 14.16
N GLU A 71 19.68 -9.48 14.63
CA GLU A 71 20.73 -8.89 13.81
C GLU A 71 20.21 -7.99 12.69
N TRP A 72 19.55 -6.90 13.08
CA TRP A 72 19.15 -5.85 12.15
C TRP A 72 19.99 -4.60 12.44
N GLU A 73 20.25 -3.83 11.40
CA GLU A 73 20.91 -2.54 11.48
C GLU A 73 19.85 -1.50 11.85
N LYS A 74 20.20 -0.60 12.75
CA LYS A 74 19.28 0.47 13.18
C LYS A 74 19.23 1.66 12.20
N VAL A 75 18.02 2.15 11.94
CA VAL A 75 17.81 3.34 11.15
C VAL A 75 17.39 4.42 12.12
N MET A 76 18.13 5.53 12.09
CA MET A 76 17.96 6.62 13.03
C MET A 76 17.48 7.90 12.35
N GLU A 77 16.71 8.70 13.08
CA GLU A 77 16.48 10.11 12.78
C GLU A 77 16.86 10.83 14.07
N GLY A 78 18.02 11.49 14.08
CA GLY A 78 18.60 12.03 15.32
C GLY A 78 18.93 10.88 16.26
N ASP A 79 18.66 11.06 17.56
CA ASP A 79 18.81 9.97 18.54
C ASP A 79 17.61 9.01 18.56
N LYS A 80 16.63 9.23 17.68
CA LYS A 80 15.42 8.43 17.65
C LYS A 80 15.57 7.29 16.64
N ILE A 81 15.43 6.06 17.13
CA ILE A 81 15.31 4.90 16.25
C ILE A 81 13.91 4.88 15.62
N ILE A 82 13.87 4.80 14.28
CA ILE A 82 12.62 4.84 13.53
C ILE A 82 12.45 3.64 12.57
N GLY A 83 13.46 2.77 12.49
CA GLY A 83 13.44 1.63 11.58
C GLY A 83 14.62 0.69 11.73
N LEU A 84 14.63 -0.35 10.91
CA LEU A 84 15.69 -1.37 10.89
C LEU A 84 15.96 -1.81 9.43
N LYS A 85 17.17 -2.26 9.17
CA LYS A 85 17.58 -2.77 7.86
C LYS A 85 18.27 -4.12 8.01
N GLN A 86 17.97 -5.05 7.13
CA GLN A 86 18.71 -6.30 7.06
C GLN A 86 18.71 -6.81 5.62
N GLY A 87 19.87 -6.76 4.99
CA GLY A 87 19.94 -6.93 3.55
C GLY A 87 18.95 -6.06 2.83
N LYS A 88 18.08 -6.66 2.04
CA LYS A 88 17.12 -5.91 1.28
C LYS A 88 15.79 -5.76 1.99
N GLN A 89 15.67 -6.21 3.24
CA GLN A 89 14.48 -5.96 4.03
C GLN A 89 14.65 -4.67 4.85
N SER A 90 13.53 -4.02 5.13
CA SER A 90 13.49 -2.82 5.95
C SER A 90 12.25 -2.91 6.83
N ILE A 91 12.39 -2.49 8.07
CA ILE A 91 11.25 -2.32 8.95
C ILE A 91 11.17 -0.80 9.18
N SER A 92 9.95 -0.27 9.17
CA SER A 92 9.76 1.18 9.26
C SER A 92 8.44 1.52 9.95
N LEU A 93 8.21 2.80 10.16
CA LEU A 93 7.05 3.28 10.92
C LEU A 93 6.26 4.24 10.07
N GLU A 94 4.96 3.97 9.91
CA GLU A 94 4.03 4.94 9.35
C GLU A 94 3.69 5.99 10.44
N PRO A 95 3.06 7.12 10.08
CA PRO A 95 2.94 8.29 10.97
C PRO A 95 2.31 8.09 12.35
N GLY A 96 1.36 7.15 12.43
CA GLY A 96 0.71 6.82 13.69
C GLY A 96 1.30 5.56 14.32
N GLY A 97 2.53 5.23 13.96
CA GLY A 97 3.21 4.08 14.54
C GLY A 97 2.92 2.75 13.88
N GLN A 98 2.13 2.74 12.81
CA GLN A 98 1.84 1.48 12.11
C GLN A 98 3.19 0.87 11.75
N PHE A 99 3.32 -0.42 12.02
CA PHE A 99 4.61 -1.11 12.08
C PHE A 99 4.79 -1.93 10.80
N GLU A 100 5.69 -1.43 9.94
CA GLU A 100 5.83 -1.93 8.57
C GLU A 100 7.05 -2.80 8.33
N LEU A 101 6.82 -3.90 7.60
CA LEU A 101 7.88 -4.65 6.92
C LEU A 101 7.79 -4.38 5.41
N SER A 102 8.93 -3.96 4.87
CA SER A 102 9.13 -3.86 3.43
CA SER A 102 9.13 -3.86 3.43
C SER A 102 10.10 -4.97 3.08
N GLY A 103 9.61 -6.03 2.42
CA GLY A 103 10.39 -7.23 2.23
C GLY A 103 11.41 -7.13 1.13
N ALA A 104 12.19 -8.20 0.96
CA ALA A 104 13.17 -8.30 -0.10
C ALA A 104 12.52 -8.58 -1.47
N PRO A 105 13.28 -8.34 -2.54
CA PRO A 105 12.76 -8.77 -3.85
C PRO A 105 12.93 -10.28 -3.97
N LEU A 106 11.82 -11.01 -3.96
CA LEU A 106 11.88 -12.44 -3.87
C LEU A 106 11.36 -13.06 -5.16
N GLU A 107 11.81 -14.29 -5.40
CA GLU A 107 11.51 -15.00 -6.63
C GLU A 107 10.15 -15.72 -6.58
N THR A 108 9.80 -16.29 -5.44
CA THR A 108 8.55 -17.06 -5.31
C THR A 108 7.77 -16.60 -4.10
N LEU A 109 6.50 -16.97 -4.12
CA LEU A 109 5.56 -16.63 -3.08
C LEU A 109 5.71 -17.49 -1.85
N HIS A 110 6.35 -18.66 -2.00
CA HIS A 110 6.75 -19.47 -0.85
C HIS A 110 7.74 -18.68 -0.02
N GLN A 111 8.69 -18.04 -0.69
CA GLN A 111 9.67 -17.17 -0.05
C GLN A 111 8.97 -15.96 0.57
N THR A 112 8.02 -15.36 -0.16
CA THR A 112 7.26 -14.25 0.39
C THR A 112 6.61 -14.61 1.75
N CYS A 113 5.89 -15.74 1.78
CA CYS A 113 5.14 -16.10 2.96
C CYS A 113 6.04 -16.53 4.14
N ALA A 114 7.14 -17.23 3.83
CA ALA A 114 8.20 -17.47 4.78
C ALA A 114 8.74 -16.15 5.34
N GLU A 115 8.91 -15.16 4.49
CA GLU A 115 9.38 -13.85 4.95
C GLU A 115 8.36 -13.19 5.88
N VAL A 116 7.07 -13.30 5.56
CA VAL A 116 6.03 -12.72 6.42
C VAL A 116 6.10 -13.42 7.79
N ASN A 117 6.18 -14.75 7.79
CA ASN A 117 6.22 -15.52 9.03
C ASN A 117 7.42 -15.18 9.92
N SER A 118 8.59 -15.07 9.28
CA SER A 118 9.79 -14.70 9.98
C SER A 118 9.57 -13.40 10.72
N HIS A 119 8.98 -12.42 10.03
CA HIS A 119 8.80 -11.11 10.61
C HIS A 119 7.84 -11.18 11.78
N LEU A 120 6.71 -11.87 11.58
CA LEU A 120 5.68 -11.97 12.63
C LEU A 120 6.23 -12.67 13.86
N TYR A 121 7.01 -13.73 13.62
CA TYR A 121 7.70 -14.40 14.70
C TYR A 121 8.62 -13.42 15.47
N GLN A 122 9.46 -12.67 14.77
CA GLN A 122 10.44 -11.81 15.45
C GLN A 122 9.72 -10.74 16.24
N VAL A 123 8.68 -10.18 15.63
CA VAL A 123 7.88 -9.16 16.29
C VAL A 123 7.23 -9.71 17.56
N LYS A 124 6.57 -10.85 17.46
CA LYS A 124 5.85 -11.42 18.59
C LYS A 124 6.81 -11.89 19.70
N ALA A 125 7.96 -12.41 19.31
CA ALA A 125 8.97 -12.88 20.25
C ALA A 125 9.46 -11.77 21.19
N VAL A 126 9.37 -10.52 20.73
CA VAL A 126 9.73 -9.38 21.57
C VAL A 126 8.47 -8.77 22.22
N ALA A 127 7.44 -8.56 21.40
CA ALA A 127 6.22 -7.87 21.85
C ALA A 127 5.47 -8.60 22.98
N GLU A 128 5.50 -9.93 22.98
CA GLU A 128 4.74 -10.71 23.99
C GLU A 128 5.08 -10.34 25.43
N GLU A 129 6.36 -10.33 25.77
CA GLU A 129 6.76 -9.94 27.13
C GLU A 129 6.59 -8.42 27.38
N MET A 130 6.49 -7.62 26.33
CA MET A 130 6.13 -6.21 26.46
C MET A 130 4.63 -6.03 26.72
N GLY A 131 3.84 -7.08 26.58
CA GLY A 131 2.39 -6.99 26.68
C GLY A 131 1.78 -6.29 25.47
N ILE A 132 2.39 -6.50 24.31
CA ILE A 132 1.97 -5.84 23.08
C ILE A 132 1.47 -6.86 22.08
N GLY A 133 0.35 -6.55 21.47
CA GLY A 133 -0.19 -7.30 20.37
C GLY A 133 -0.23 -6.49 19.10
N PHE A 134 -0.44 -7.19 17.99
CA PHE A 134 -0.59 -6.56 16.68
C PHE A 134 -1.90 -6.96 15.98
N LEU A 135 -2.51 -5.95 15.35
CA LEU A 135 -3.83 -6.11 14.70
C LEU A 135 -3.67 -5.94 13.18
N GLY A 136 -4.17 -6.92 12.42
CA GLY A 136 -4.20 -6.82 10.98
C GLY A 136 -5.56 -6.37 10.45
N MET A 137 -5.72 -5.06 10.31
CA MET A 137 -6.92 -4.44 9.73
C MET A 137 -6.57 -3.24 8.89
N GLY A 138 -7.52 -2.81 8.06
CA GLY A 138 -7.29 -1.68 7.20
C GLY A 138 -7.42 -0.32 7.84
N PHE A 139 -8.18 -0.22 8.93
CA PHE A 139 -8.44 1.04 9.58
C PHE A 139 -8.60 0.77 11.07
N GLN A 140 -7.97 1.61 11.90
CA GLN A 140 -7.99 1.45 13.36
C GLN A 140 -9.46 1.47 13.84
N PRO A 141 -9.93 0.33 14.39
CA PRO A 141 -11.35 0.14 14.67
C PRO A 141 -11.93 0.79 15.94
N LYS A 142 -11.06 1.23 16.84
CA LYS A 142 -11.48 1.66 18.20
C LYS A 142 -11.24 3.15 18.48
N TRP A 143 -10.06 3.65 18.11
CA TRP A 143 -9.58 4.92 18.64
C TRP A 143 -9.76 6.10 17.68
N ARG A 144 -9.93 7.28 18.28
CA ARG A 144 -10.03 8.54 17.56
C ARG A 144 -8.70 8.96 16.97
N ARG A 145 -8.75 9.88 16.03
CA ARG A 145 -7.56 10.47 15.42
C ARG A 145 -6.64 11.07 16.48
N GLU A 146 -7.21 11.79 17.45
CA GLU A 146 -6.40 12.46 18.46
C GLU A 146 -5.80 11.46 19.46
N ASP A 147 -6.32 10.24 19.47
CA ASP A 147 -5.79 9.16 20.32
C ASP A 147 -4.54 8.53 19.76
N ILE A 148 -4.21 8.80 18.51
CA ILE A 148 -3.10 8.08 17.85
C ILE A 148 -1.76 8.75 18.12
N PRO A 149 -0.78 7.99 18.62
CA PRO A 149 0.59 8.50 18.76
C PRO A 149 1.14 8.99 17.43
N THR A 150 1.87 10.09 17.45
CA THR A 150 2.50 10.61 16.25
C THR A 150 3.97 10.29 16.35
N MET A 151 4.54 9.75 15.28
CA MET A 151 5.95 9.33 15.31
C MET A 151 6.86 10.55 15.20
N PRO A 152 8.01 10.53 15.87
CA PRO A 152 8.92 11.69 15.80
C PRO A 152 9.73 11.69 14.49
N LYS A 153 9.06 11.91 13.37
CA LYS A 153 9.72 11.94 12.07
C LYS A 153 9.35 13.24 11.34
N GLY A 154 10.37 13.97 10.88
CA GLY A 154 10.19 15.33 10.38
C GLY A 154 9.29 15.38 9.17
N ARG A 155 9.42 14.38 8.31
CA ARG A 155 8.66 14.36 7.06
C ARG A 155 7.17 14.15 7.35
N TYR A 156 6.86 13.37 8.39
CA TYR A 156 5.48 13.24 8.85
C TYR A 156 4.92 14.49 9.50
N ASP A 157 5.75 15.22 10.25
CA ASP A 157 5.31 16.51 10.82
C ASP A 157 4.90 17.47 9.70
N ILE A 158 5.73 17.53 8.67
CA ILE A 158 5.45 18.34 7.48
C ILE A 158 4.13 17.91 6.82
N MET A 159 3.94 16.62 6.67
CA MET A 159 2.74 16.07 6.02
C MET A 159 1.48 16.34 6.85
N ARG A 160 1.57 16.17 8.16
CA ARG A 160 0.45 16.38 9.05
C ARG A 160 -0.08 17.82 8.93
N ASN A 161 0.84 18.78 8.83
CA ASN A 161 0.47 20.18 8.66
C ASN A 161 -0.19 20.47 7.29
N TYR A 162 0.24 19.75 6.26
CA TYR A 162 -0.25 19.97 4.90
C TYR A 162 -1.60 19.31 4.59
N MET A 163 -1.85 18.14 5.16
CA MET A 163 -3.05 17.37 4.86
C MET A 163 -4.35 18.18 4.97
N PRO A 164 -4.53 18.93 6.08
CA PRO A 164 -5.77 19.68 6.21
C PRO A 164 -6.01 20.69 5.07
N LYS A 165 -4.96 21.07 4.36
CA LYS A 165 -5.02 22.07 3.30
C LYS A 165 -5.56 21.46 2.00
N VAL A 166 -5.58 20.13 1.92
CA VAL A 166 -5.90 19.41 0.68
C VAL A 166 -6.99 18.35 0.82
N GLY A 167 -7.52 18.16 2.02
CA GLY A 167 -8.65 17.25 2.23
C GLY A 167 -9.07 17.13 3.69
N SER A 168 -10.15 16.38 3.93
CA SER A 168 -10.63 16.17 5.30
C SER A 168 -10.16 14.87 5.97
N LEU A 169 -9.69 13.90 5.19
CA LEU A 169 -9.42 12.55 5.68
C LEU A 169 -7.96 12.10 5.58
N GLY A 170 -7.06 12.99 5.15
CA GLY A 170 -5.65 12.63 4.92
C GLY A 170 -4.90 12.31 6.20
N LEU A 171 -5.26 13.02 7.27
CA LEU A 171 -4.74 12.72 8.61
C LEU A 171 -5.13 11.32 9.07
N ASP A 172 -6.30 10.85 8.65
CA ASP A 172 -6.73 9.47 8.93
C ASP A 172 -5.98 8.45 8.07
N MET A 173 -5.66 8.83 6.84
CA MET A 173 -4.78 8.03 6.04
C MET A 173 -3.48 7.84 6.82
N MET A 174 -2.89 8.94 7.26
CA MET A 174 -1.57 8.89 7.89
C MET A 174 -1.56 8.12 9.21
N LEU A 175 -2.55 8.40 10.06
CA LEU A 175 -2.57 7.90 11.44
C LEU A 175 -3.31 6.58 11.66
N ARG A 176 -4.31 6.28 10.82
CA ARG A 176 -5.32 5.25 11.15
C ARG A 176 -5.54 4.17 10.07
N THR A 177 -4.70 4.11 9.04
CA THR A 177 -4.83 3.05 8.03
C THR A 177 -3.61 2.14 7.96
N CYS A 178 -3.85 0.91 7.52
CA CYS A 178 -2.80 -0.08 7.24
C CYS A 178 -3.08 -0.76 5.91
N THR A 179 -2.04 -0.91 5.09
CA THR A 179 -2.14 -1.59 3.80
C THR A 179 -1.29 -2.86 3.77
N VAL A 180 -1.63 -3.74 2.85
CA VAL A 180 -0.69 -4.71 2.34
C VAL A 180 -0.56 -4.43 0.84
N GLN A 181 0.68 -4.28 0.38
CA GLN A 181 0.93 -4.06 -1.04
C GLN A 181 2.02 -4.97 -1.60
N VAL A 182 2.10 -4.95 -2.92
CA VAL A 182 3.09 -5.73 -3.62
C VAL A 182 3.71 -4.84 -4.70
N ASN A 183 5.03 -5.00 -4.86
CA ASN A 183 5.85 -4.28 -5.81
C ASN A 183 6.38 -5.25 -6.86
N LEU A 184 6.16 -4.93 -8.11
CA LEU A 184 6.42 -5.85 -9.21
C LEU A 184 7.17 -5.14 -10.34
N ASP A 185 7.83 -5.94 -11.16
CA ASP A 185 8.70 -5.45 -12.21
C ASP A 185 8.08 -5.49 -13.60
N PHE A 186 8.64 -4.68 -14.50
CA PHE A 186 8.23 -4.64 -15.90
C PHE A 186 9.49 -4.76 -16.75
N SER A 187 9.31 -5.25 -17.97
CA SER A 187 10.42 -5.55 -18.86
C SER A 187 10.72 -4.42 -19.83
N SER A 188 9.77 -3.51 -19.98
CA SER A 188 9.86 -2.49 -21.02
C SER A 188 8.75 -1.54 -20.85
N GLU A 189 8.76 -0.46 -21.63
CA GLU A 189 7.72 0.52 -21.52
C GLU A 189 6.40 -0.11 -21.92
N ALA A 190 6.38 -0.89 -23.01
CA ALA A 190 5.16 -1.56 -23.45
C ALA A 190 4.58 -2.42 -22.32
N ASP A 191 5.43 -3.26 -21.73
CA ASP A 191 5.05 -4.06 -20.56
C ASP A 191 4.54 -3.21 -19.39
N MET A 192 5.20 -2.09 -19.13
CA MET A 192 4.79 -1.23 -18.04
C MET A 192 3.38 -0.67 -18.27
N ILE A 193 3.12 -0.25 -19.51
CA ILE A 193 1.82 0.31 -19.87
C ILE A 193 0.72 -0.76 -19.65
N ARG A 194 1.02 -1.98 -20.07
CA ARG A 194 0.06 -3.07 -19.97
C ARG A 194 -0.26 -3.44 -18.50
N LYS A 195 0.78 -3.53 -17.69
CA LYS A 195 0.61 -3.84 -16.27
C LYS A 195 -0.11 -2.73 -15.49
N PHE A 196 0.17 -1.48 -15.86
CA PHE A 196 -0.43 -0.29 -15.24
C PHE A 196 -1.93 -0.28 -15.50
N ARG A 197 -2.32 -0.56 -16.74
CA ARG A 197 -3.73 -0.59 -17.12
C ARG A 197 -4.46 -1.79 -16.54
N ALA A 198 -3.81 -2.93 -16.49
CA ALA A 198 -4.39 -4.13 -15.85
C ALA A 198 -4.58 -3.86 -14.36
N GLY A 199 -3.53 -3.31 -13.76
CA GLY A 199 -3.49 -3.03 -12.33
C GLY A 199 -4.50 -2.00 -11.91
N LEU A 200 -4.71 -0.96 -12.71
CA LEU A 200 -5.69 0.06 -12.36
C LEU A 200 -7.12 -0.45 -12.52
N ALA A 201 -7.42 -1.12 -13.63
CA ALA A 201 -8.77 -1.61 -13.88
C ALA A 201 -9.19 -2.65 -12.85
N LEU A 202 -8.26 -3.50 -12.42
CA LEU A 202 -8.56 -4.50 -11.43
C LEU A 202 -8.37 -4.06 -9.97
N GLN A 203 -7.81 -2.88 -9.71
CA GLN A 203 -7.53 -2.49 -8.33
C GLN A 203 -8.77 -2.53 -7.44
N PRO A 204 -9.91 -2.00 -7.92
CA PRO A 204 -11.14 -2.09 -7.11
C PRO A 204 -11.63 -3.53 -6.79
N ILE A 205 -11.28 -4.50 -7.64
CA ILE A 205 -11.55 -5.91 -7.36
C ILE A 205 -10.67 -6.38 -6.17
N ALA A 206 -9.39 -6.01 -6.20
CA ALA A 206 -8.52 -6.28 -5.07
C ALA A 206 -9.04 -5.60 -3.80
N THR A 207 -9.45 -4.34 -3.91
CA THR A 207 -9.95 -3.60 -2.75
C THR A 207 -11.13 -4.34 -2.13
N ALA A 208 -12.04 -4.81 -2.97
CA ALA A 208 -13.20 -5.57 -2.54
C ALA A 208 -12.81 -6.88 -1.86
N LEU A 209 -11.87 -7.61 -2.47
CA LEU A 209 -11.49 -8.93 -1.96
C LEU A 209 -10.81 -8.85 -0.60
N PHE A 210 -10.07 -7.77 -0.39
CA PHE A 210 -9.30 -7.59 0.84
C PHE A 210 -9.95 -6.59 1.84
N ALA A 211 -11.16 -6.10 1.52
CA ALA A 211 -11.87 -5.11 2.34
C ALA A 211 -11.97 -5.59 3.77
N ASN A 212 -11.47 -4.77 4.69
CA ASN A 212 -11.24 -5.19 6.07
C ASN A 212 -11.18 -3.97 7.03
N SER A 213 -12.08 -3.02 6.83
CA SER A 213 -12.10 -1.80 7.65
C SER A 213 -13.52 -1.20 7.79
N PRO A 214 -14.43 -1.99 8.39
CA PRO A 214 -15.79 -1.50 8.57
C PRO A 214 -16.08 -0.75 9.87
N PHE A 215 -15.10 -0.60 10.75
CA PHE A 215 -15.33 0.04 12.06
C PHE A 215 -14.60 1.37 12.19
N THR A 216 -15.29 2.35 12.76
CA THR A 216 -14.66 3.61 13.21
C THR A 216 -15.10 3.88 14.64
N GLU A 217 -14.13 4.11 15.52
CA GLU A 217 -14.39 4.44 16.91
C GLU A 217 -15.44 3.53 17.60
N GLY A 218 -15.29 2.21 17.43
CA GLY A 218 -16.15 1.26 18.15
C GLY A 218 -17.50 0.93 17.54
N LYS A 219 -17.81 1.51 16.38
CA LYS A 219 -19.07 1.28 15.67
C LYS A 219 -18.86 1.03 14.17
N PRO A 220 -19.87 0.43 13.49
CA PRO A 220 -19.77 0.38 12.04
C PRO A 220 -19.78 1.77 11.45
N ASN A 221 -18.97 1.99 10.42
CA ASN A 221 -18.85 3.31 9.79
C ASN A 221 -19.60 3.44 8.46
N GLY A 222 -20.33 2.39 8.05
CA GLY A 222 -21.11 2.41 6.80
C GLY A 222 -20.34 1.90 5.58
N PHE A 223 -19.11 1.47 5.80
CA PHE A 223 -18.24 1.03 4.72
C PHE A 223 -17.76 -0.40 4.95
N LEU A 224 -17.23 -0.99 3.89
CA LEU A 224 -16.49 -2.23 3.99
C LEU A 224 -15.00 -1.93 4.00
N SER A 225 -14.55 -1.03 3.14
CA SER A 225 -13.21 -0.43 3.24
C SER A 225 -13.22 1.08 3.44
N MET A 226 -13.36 1.49 4.69
CA MET A 226 -13.13 2.88 5.10
C MET A 226 -11.73 3.35 4.70
N ARG A 227 -10.73 2.46 4.81
CA ARG A 227 -9.38 2.77 4.36
C ARG A 227 -9.39 3.26 2.91
N SER A 228 -10.00 2.49 2.01
CA SER A 228 -10.03 2.86 0.59
C SER A 228 -10.82 4.15 0.40
N HIS A 229 -11.92 4.30 1.12
CA HIS A 229 -12.68 5.56 1.14
C HIS A 229 -11.81 6.75 1.52
N ILE A 230 -11.03 6.59 2.59
CA ILE A 230 -10.14 7.67 3.05
C ILE A 230 -9.22 8.21 1.95
N TRP A 231 -8.75 7.30 1.10
CA TRP A 231 -7.90 7.70 -0.02
C TRP A 231 -8.61 8.51 -1.10
N THR A 232 -9.93 8.64 -1.01
CA THR A 232 -10.68 9.53 -1.93
C THR A 232 -10.87 10.93 -1.37
N ASP A 233 -10.41 11.20 -0.15
CA ASP A 233 -10.39 12.58 0.33
C ASP A 233 -9.10 12.90 1.12
N THR A 234 -7.99 12.40 0.61
CA THR A 234 -6.69 12.67 1.19
C THR A 234 -6.05 13.88 0.48
N ASP A 235 -6.04 13.81 -0.85
CA ASP A 235 -5.44 14.85 -1.68
C ASP A 235 -5.68 14.46 -3.12
N LYS A 236 -6.46 15.26 -3.83
CA LYS A 236 -6.82 15.02 -5.24
C LYS A 236 -5.63 15.13 -6.20
N ASP A 237 -4.64 15.95 -5.87
CA ASP A 237 -3.40 16.06 -6.68
C ASP A 237 -2.57 14.80 -6.81
N ARG A 238 -2.76 13.82 -5.91
CA ARG A 238 -1.81 12.71 -5.87
C ARG A 238 -2.43 11.32 -5.59
N THR A 239 -3.70 11.17 -5.94
CA THR A 239 -4.47 9.95 -5.66
C THR A 239 -5.33 9.56 -6.85
N GLY A 240 -5.90 8.35 -6.80
CA GLY A 240 -6.95 7.95 -7.73
C GLY A 240 -6.60 7.00 -8.84
N MET A 241 -7.47 6.99 -9.86
CA MET A 241 -7.50 5.95 -10.88
C MET A 241 -6.77 6.33 -12.13
N LEU A 242 -6.23 7.54 -12.17
CA LEU A 242 -5.31 7.99 -13.23
C LEU A 242 -5.80 7.65 -14.63
N PRO A 243 -6.93 8.23 -15.05
CA PRO A 243 -7.49 7.90 -16.34
C PRO A 243 -6.54 8.10 -17.53
N PHE A 244 -5.61 9.05 -17.41
CA PHE A 244 -4.68 9.36 -18.51
C PHE A 244 -3.78 8.17 -18.84
N VAL A 245 -3.65 7.24 -17.89
CA VAL A 245 -2.86 6.04 -18.09
C VAL A 245 -3.43 5.25 -19.26
N PHE A 246 -4.74 5.32 -19.45
CA PHE A 246 -5.42 4.64 -20.56
C PHE A 246 -5.44 5.45 -21.88
N ASP A 247 -4.88 6.65 -21.90
CA ASP A 247 -4.72 7.40 -23.15
C ASP A 247 -3.64 6.74 -23.99
N ASP A 248 -3.76 6.83 -25.31
CA ASP A 248 -2.79 6.22 -26.24
C ASP A 248 -1.41 6.82 -26.12
N SER A 249 -1.35 8.07 -25.65
CA SER A 249 -0.10 8.77 -25.43
C SER A 249 0.68 8.23 -24.22
N PHE A 250 0.04 7.43 -23.37
CA PHE A 250 0.65 7.08 -22.09
C PHE A 250 1.97 6.31 -22.20
N GLY A 251 2.88 6.59 -21.29
CA GLY A 251 4.22 6.02 -21.31
C GLY A 251 5.00 6.65 -20.18
N PHE A 252 6.28 6.32 -20.08
CA PHE A 252 7.13 6.81 -19.01
C PHE A 252 7.08 8.34 -18.96
N GLU A 253 7.15 8.94 -20.14
CA GLU A 253 7.16 10.39 -20.31
C GLU A 253 5.94 11.06 -19.67
N GLN A 254 4.75 10.53 -19.97
CA GLN A 254 3.51 11.07 -19.46
CA GLN A 254 3.50 11.09 -19.45
C GLN A 254 3.41 10.89 -17.92
N TYR A 255 3.88 9.76 -17.39
CA TYR A 255 3.90 9.62 -15.92
C TYR A 255 4.81 10.67 -15.28
N VAL A 256 5.97 10.93 -15.89
CA VAL A 256 6.87 11.98 -15.39
C VAL A 256 6.18 13.35 -15.38
N ASP A 257 5.49 13.71 -16.45
CA ASP A 257 4.74 14.97 -16.49
C ASP A 257 3.69 15.08 -15.39
N TYR A 258 3.00 13.98 -15.13
CA TYR A 258 2.05 13.86 -14.04
C TYR A 258 2.75 14.17 -12.72
N ALA A 259 3.81 13.41 -12.43
CA ALA A 259 4.58 13.56 -11.21
C ALA A 259 5.15 14.97 -11.03
N LEU A 260 5.61 15.58 -12.12
CA LEU A 260 6.11 16.96 -12.08
C LEU A 260 4.99 17.94 -11.67
N ASP A 261 3.74 17.65 -12.09
CA ASP A 261 2.55 18.44 -11.68
C ASP A 261 2.13 18.24 -10.22
N VAL A 262 2.52 17.14 -9.61
CA VAL A 262 2.17 16.85 -8.22
C VAL A 262 3.05 17.67 -7.32
N PRO A 263 2.43 18.52 -6.45
CA PRO A 263 3.26 19.36 -5.63
C PRO A 263 4.13 18.57 -4.63
N MET A 264 5.27 19.18 -4.27
CA MET A 264 6.24 18.52 -3.42
C MET A 264 5.84 18.62 -1.95
N TYR A 265 6.33 17.69 -1.14
CA TYR A 265 6.20 17.81 0.32
C TYR A 265 7.45 18.42 0.97
N PHE A 266 8.61 17.93 0.53
CA PHE A 266 9.85 18.22 1.20
C PHE A 266 11.03 17.87 0.33
N ALA A 267 12.20 18.37 0.72
CA ALA A 267 13.47 17.87 0.18
C ALA A 267 14.40 17.58 1.38
N TYR A 268 15.11 16.46 1.30
CA TYR A 268 16.10 16.09 2.30
C TYR A 268 17.46 16.76 2.01
N ARG A 269 17.90 17.59 2.97
CA ARG A 269 19.14 18.35 2.82
C ARG A 269 19.75 18.54 4.21
N ASN A 270 21.07 18.49 4.29
CA ASN A 270 21.77 18.74 5.56
C ASN A 270 21.25 17.89 6.72
N GLY A 271 20.93 16.63 6.43
CA GLY A 271 20.47 15.70 7.45
C GLY A 271 18.98 15.74 7.78
N LYS A 272 18.24 16.66 7.20
CA LYS A 272 16.83 16.81 7.57
C LYS A 272 15.87 17.14 6.42
N TYR A 273 14.58 16.92 6.70
CA TYR A 273 13.48 17.17 5.76
C TYR A 273 13.03 18.63 5.80
N VAL A 274 13.19 19.35 4.70
CA VAL A 274 12.76 20.74 4.58
C VAL A 274 11.33 20.78 4.03
N ASP A 275 10.52 21.67 4.58
CA ASP A 275 9.13 21.80 4.15
C ASP A 275 9.12 22.56 2.83
N CYS A 276 8.72 21.86 1.76
CA CYS A 276 8.61 22.47 0.44
C CYS A 276 7.20 22.31 -0.11
N THR A 277 6.24 22.36 0.80
CA THR A 277 4.84 22.19 0.41
C THR A 277 4.38 23.38 -0.43
N GLY A 278 3.49 23.12 -1.38
CA GLY A 278 3.08 24.12 -2.36
C GLY A 278 4.16 24.44 -3.40
N MET A 279 5.25 23.67 -3.42
CA MET A 279 6.30 23.90 -4.41
C MET A 279 6.34 22.70 -5.34
N THR A 280 7.05 22.86 -6.44
CA THR A 280 7.07 21.85 -7.50
C THR A 280 8.48 21.40 -7.78
N PHE A 281 8.59 20.19 -8.32
CA PHE A 281 9.85 19.61 -8.79
C PHE A 281 10.38 20.32 -10.02
N ARG A 282 9.49 20.98 -10.78
CA ARG A 282 9.94 21.82 -11.89
C ARG A 282 10.76 23.00 -11.39
N GLN A 283 10.30 23.61 -10.29
CA GLN A 283 11.09 24.62 -9.58
C GLN A 283 12.46 24.06 -9.14
N PHE A 284 12.43 22.91 -8.46
CA PHE A 284 13.65 22.22 -8.05
C PHE A 284 14.63 22.03 -9.22
N LEU A 285 14.14 21.45 -10.33
CA LEU A 285 14.91 21.27 -11.55
C LEU A 285 15.64 22.53 -12.02
N ALA A 286 14.95 23.67 -11.92
CA ALA A 286 15.51 24.96 -12.31
C ALA A 286 16.38 25.58 -11.22
N GLY A 287 16.49 24.93 -10.07
CA GLY A 287 17.31 25.44 -8.97
C GLY A 287 16.60 26.58 -8.27
N LYS A 288 15.28 26.58 -8.35
CA LYS A 288 14.47 27.71 -7.94
C LYS A 288 13.36 27.27 -6.95
N LEU A 289 13.67 26.26 -6.13
CA LEU A 289 12.83 25.92 -4.98
C LEU A 289 12.95 26.97 -3.88
N PRO A 290 11.85 27.69 -3.55
CA PRO A 290 11.93 28.70 -2.48
C PRO A 290 12.41 28.16 -1.12
N CYS A 291 12.10 26.90 -0.80
CA CYS A 291 12.58 26.26 0.44
C CYS A 291 14.08 25.94 0.41
N LEU A 292 14.68 25.95 -0.78
CA LEU A 292 16.10 25.58 -0.95
C LEU A 292 16.77 26.33 -2.11
N PRO A 293 16.80 27.68 -2.04
CA PRO A 293 17.19 28.46 -3.21
C PRO A 293 18.54 28.02 -3.79
N GLY A 294 18.56 27.78 -5.10
CA GLY A 294 19.79 27.34 -5.79
C GLY A 294 20.14 25.85 -5.74
N GLU A 295 19.50 25.05 -4.89
CA GLU A 295 19.79 23.62 -4.84
C GLU A 295 19.22 22.93 -6.08
N LEU A 296 20.01 22.01 -6.65
CA LEU A 296 19.59 21.19 -7.79
C LEU A 296 19.33 19.74 -7.36
N PRO A 297 18.32 19.10 -7.97
CA PRO A 297 17.92 17.78 -7.54
C PRO A 297 18.82 16.62 -8.01
N THR A 298 18.86 15.57 -7.21
CA THR A 298 19.54 14.32 -7.55
C THR A 298 18.49 13.26 -7.90
N TYR A 299 18.95 12.08 -8.29
CA TYR A 299 18.00 10.96 -8.47
C TYR A 299 17.31 10.60 -7.16
N ASN A 300 18.01 10.70 -6.03
CA ASN A 300 17.40 10.42 -4.73
CA ASN A 300 17.41 10.43 -4.73
C ASN A 300 16.26 11.41 -4.45
N ASP A 301 16.48 12.67 -4.79
CA ASP A 301 15.43 13.68 -4.64
C ASP A 301 14.19 13.32 -5.47
N TRP A 302 14.42 12.87 -6.71
CA TRP A 302 13.33 12.44 -7.60
C TRP A 302 12.64 11.21 -7.06
N GLU A 303 13.41 10.20 -6.68
CA GLU A 303 12.86 9.04 -6.00
C GLU A 303 12.01 9.45 -4.77
N ASN A 304 12.54 10.34 -3.94
CA ASN A 304 11.80 10.85 -2.77
C ASN A 304 10.46 11.44 -3.18
N HIS A 305 10.47 12.27 -4.23
CA HIS A 305 9.25 12.89 -4.71
C HIS A 305 8.26 11.86 -5.24
N LEU A 306 8.77 10.88 -5.98
CA LEU A 306 7.94 9.81 -6.53
C LEU A 306 7.20 9.03 -5.45
N THR A 307 7.77 9.03 -4.24
CA THR A 307 7.27 8.25 -3.12
C THR A 307 6.25 9.09 -2.30
N THR A 308 6.04 10.33 -2.72
CA THR A 308 4.97 11.16 -2.15
C THR A 308 3.71 11.18 -3.04
N ILE A 309 3.68 10.33 -4.06
CA ILE A 309 2.53 10.19 -4.96
C ILE A 309 1.82 8.89 -4.58
N PHE A 310 0.51 8.96 -4.46
CA PHE A 310 -0.24 7.87 -3.89
C PHE A 310 -1.46 7.43 -4.72
N PRO A 311 -1.28 7.09 -6.01
CA PRO A 311 -2.45 6.57 -6.73
C PRO A 311 -2.77 5.09 -6.39
N GLU A 312 -3.77 4.53 -7.04
CA GLU A 312 -4.21 3.18 -6.74
C GLU A 312 -3.15 2.18 -7.21
N VAL A 313 -2.41 2.59 -8.24
CA VAL A 313 -1.22 1.94 -8.72
C VAL A 313 -0.19 3.06 -8.85
N ARG A 314 1.00 2.83 -8.30
CA ARG A 314 2.06 3.79 -8.36
C ARG A 314 3.20 3.27 -9.22
N LEU A 315 3.81 4.16 -9.99
CA LEU A 315 4.99 3.83 -10.78
C LEU A 315 6.21 4.53 -10.23
N LYS A 316 7.27 3.73 -10.05
CA LYS A 316 8.63 4.20 -9.88
C LYS A 316 9.52 3.36 -10.84
N ARG A 317 10.63 2.81 -10.35
CA ARG A 317 11.39 1.80 -11.11
C ARG A 317 10.71 0.42 -11.03
N TYR A 318 9.68 0.31 -10.21
CA TYR A 318 8.80 -0.88 -10.16
C TYR A 318 7.38 -0.38 -10.02
N MET A 319 6.41 -1.31 -10.08
CA MET A 319 5.01 -0.94 -9.98
C MET A 319 4.39 -1.46 -8.69
N GLU A 320 3.59 -0.60 -8.05
CA GLU A 320 3.00 -0.92 -6.75
C GLU A 320 1.52 -1.02 -6.83
N MET A 321 0.97 -2.13 -6.32
CA MET A 321 -0.47 -2.33 -6.22
C MET A 321 -0.93 -1.88 -4.84
N ARG A 322 -1.69 -0.80 -4.78
CA ARG A 322 -1.81 0.00 -3.56
C ARG A 322 -3.22 -0.07 -2.99
N GLY A 323 -3.91 -1.17 -3.26
CA GLY A 323 -5.36 -1.17 -3.32
C GLY A 323 -5.98 -1.70 -2.04
N ALA A 324 -5.19 -2.41 -1.25
CA ALA A 324 -5.71 -3.49 -0.41
C ALA A 324 -5.55 -3.17 1.06
N ASP A 325 -6.55 -3.54 1.86
CA ASP A 325 -6.48 -3.36 3.31
C ASP A 325 -5.53 -4.34 3.96
N GLY A 326 -4.88 -3.89 5.04
CA GLY A 326 -4.13 -4.77 5.93
C GLY A 326 -5.00 -5.88 6.46
N GLY A 327 -4.37 -7.02 6.72
CA GLY A 327 -5.13 -8.18 7.12
C GLY A 327 -4.29 -9.27 7.76
N PRO A 328 -4.94 -10.35 8.18
CA PRO A 328 -4.21 -11.45 8.84
C PRO A 328 -3.26 -12.16 7.89
N TRP A 329 -2.41 -13.02 8.44
CA TRP A 329 -1.21 -13.47 7.74
C TRP A 329 -1.51 -14.18 6.42
N ARG A 330 -2.56 -14.97 6.37
CA ARG A 330 -2.91 -15.66 5.12
C ARG A 330 -3.29 -14.68 4.01
N ARG A 331 -3.87 -13.54 4.36
CA ARG A 331 -4.12 -12.52 3.34
C ARG A 331 -2.89 -11.70 2.99
N LEU A 332 -1.93 -11.62 3.90
CA LEU A 332 -0.68 -10.95 3.58
C LEU A 332 0.05 -11.75 2.49
N CYS A 333 -0.05 -13.08 2.55
CA CYS A 333 0.57 -13.91 1.52
C CYS A 333 -0.28 -14.00 0.26
N ALA A 334 -1.60 -13.83 0.40
CA ALA A 334 -2.55 -13.87 -0.74
C ALA A 334 -2.48 -12.63 -1.65
N LEU A 335 -2.34 -11.44 -1.06
CA LEU A 335 -2.28 -10.22 -1.85
C LEU A 335 -1.23 -10.27 -2.96
N PRO A 336 0.05 -10.48 -2.60
CA PRO A 336 1.06 -10.58 -3.65
C PRO A 336 0.77 -11.71 -4.65
N ALA A 337 0.19 -12.82 -4.17
CA ALA A 337 -0.11 -13.98 -5.04
C ALA A 337 -1.15 -13.64 -6.10
N PHE A 338 -2.18 -12.89 -5.67
CA PHE A 338 -3.23 -12.37 -6.55
C PHE A 338 -2.61 -11.66 -7.76
N TRP A 339 -1.73 -10.70 -7.51
CA TRP A 339 -1.17 -9.85 -8.57
C TRP A 339 -0.09 -10.56 -9.40
N VAL A 340 0.70 -11.39 -8.75
CA VAL A 340 1.68 -12.22 -9.44
C VAL A 340 0.98 -13.08 -10.51
N GLY A 341 -0.08 -13.81 -10.13
CA GLY A 341 -0.82 -14.61 -11.08
C GLY A 341 -1.41 -13.81 -12.24
N LEU A 342 -1.90 -12.60 -11.97
CA LEU A 342 -2.51 -11.74 -13.03
C LEU A 342 -1.51 -11.04 -13.95
N LEU A 343 -0.34 -10.70 -13.43
CA LEU A 343 0.58 -9.82 -14.13
C LEU A 343 1.89 -10.41 -14.57
N TYR A 344 2.29 -11.52 -13.96
CA TYR A 344 3.56 -12.16 -14.24
C TYR A 344 3.44 -13.33 -15.22
N ASP A 345 2.25 -13.63 -15.69
CA ASP A 345 2.07 -14.58 -16.78
C ASP A 345 1.63 -13.75 -17.98
N GLU A 346 2.33 -13.85 -19.11
CA GLU A 346 2.03 -12.95 -20.25
C GLU A 346 0.64 -13.16 -20.86
N ASP A 347 0.15 -14.39 -20.86
CA ASP A 347 -1.15 -14.71 -21.44
C ASP A 347 -2.24 -14.21 -20.53
N VAL A 348 -2.12 -14.49 -19.22
CA VAL A 348 -3.08 -13.96 -18.25
C VAL A 348 -3.11 -12.43 -18.28
N LEU A 349 -1.95 -11.79 -18.34
CA LEU A 349 -1.92 -10.33 -18.49
C LEU A 349 -2.79 -9.87 -19.67
N GLN A 350 -2.64 -10.51 -20.83
CA GLN A 350 -3.50 -10.19 -21.97
C GLN A 350 -4.98 -10.48 -21.69
N SER A 351 -5.26 -11.61 -21.04
CA SER A 351 -6.64 -11.93 -20.68
C SER A 351 -7.29 -10.85 -19.82
N VAL A 352 -6.52 -10.23 -18.91
CA VAL A 352 -7.05 -9.14 -18.05
C VAL A 352 -7.38 -7.93 -18.91
N LEU A 353 -6.47 -7.63 -19.84
CA LEU A 353 -6.64 -6.54 -20.79
C LEU A 353 -7.87 -6.71 -21.69
N ASP A 354 -8.08 -7.92 -22.17
CA ASP A 354 -9.26 -8.26 -22.98
C ASP A 354 -10.54 -8.18 -22.15
N LEU A 355 -10.47 -8.69 -20.91
CA LEU A 355 -11.60 -8.67 -20.00
C LEU A 355 -12.07 -7.24 -19.73
N THR A 356 -11.11 -6.33 -19.55
CA THR A 356 -11.39 -4.96 -19.12
C THR A 356 -11.30 -3.92 -20.27
N ALA A 357 -11.23 -4.40 -21.51
CA ALA A 357 -10.93 -3.56 -22.67
C ALA A 357 -11.95 -2.46 -22.91
N ASP A 358 -13.23 -2.80 -22.77
CA ASP A 358 -14.27 -1.82 -23.03
C ASP A 358 -14.78 -1.14 -21.74
N TRP A 359 -14.06 -1.26 -20.63
CA TRP A 359 -14.42 -0.51 -19.42
C TRP A 359 -14.13 0.98 -19.62
N THR A 360 -15.12 1.82 -19.34
CA THR A 360 -14.98 3.26 -19.55
C THR A 360 -14.29 3.92 -18.33
N PRO A 361 -13.68 5.11 -18.54
CA PRO A 361 -13.15 5.86 -17.41
C PRO A 361 -14.18 6.04 -16.26
N ALA A 362 -15.43 6.35 -16.61
CA ALA A 362 -16.50 6.52 -15.61
C ALA A 362 -16.78 5.21 -14.84
N GLU A 363 -16.76 4.09 -15.56
CA GLU A 363 -17.02 2.79 -14.96
C GLU A 363 -15.92 2.42 -13.96
N ARG A 364 -14.67 2.60 -14.37
CA ARG A 364 -13.54 2.40 -13.47
C ARG A 364 -13.63 3.32 -12.26
N GLU A 365 -13.94 4.58 -12.49
CA GLU A 365 -14.05 5.56 -11.39
C GLU A 365 -15.16 5.11 -10.42
N MET A 366 -16.32 4.73 -10.99
CA MET A 366 -17.46 4.23 -10.22
C MET A 366 -17.09 3.04 -9.33
N LEU A 367 -16.50 2.01 -9.93
CA LEU A 367 -16.07 0.83 -9.20
C LEU A 367 -15.17 1.24 -8.02
N ARG A 368 -14.18 2.08 -8.29
CA ARG A 368 -13.27 2.59 -7.26
C ARG A 368 -14.03 3.29 -6.13
N ASN A 369 -15.07 4.05 -6.48
CA ASN A 369 -15.82 4.79 -5.48
C ASN A 369 -16.87 3.97 -4.73
N LYS A 370 -17.46 2.97 -5.39
CA LYS A 370 -18.54 2.21 -4.78
C LYS A 370 -18.11 0.94 -4.03
N VAL A 371 -16.99 0.36 -4.46
CA VAL A 371 -16.47 -0.86 -3.83
C VAL A 371 -16.25 -0.69 -2.31
N PRO A 372 -15.68 0.45 -1.87
CA PRO A 372 -15.55 0.70 -0.42
C PRO A 372 -16.87 0.60 0.36
N VAL A 373 -17.99 0.85 -0.28
CA VAL A 373 -19.29 0.74 0.37
C VAL A 373 -19.84 -0.69 0.25
N THR A 374 -19.90 -1.23 -0.98
CA THR A 374 -20.61 -2.49 -1.25
C THR A 374 -19.75 -3.69 -1.70
N GLY A 375 -18.44 -3.50 -1.86
CA GLY A 375 -17.52 -4.60 -2.13
C GLY A 375 -17.93 -5.36 -3.38
N LEU A 376 -18.06 -6.69 -3.26
CA LEU A 376 -18.37 -7.55 -4.40
C LEU A 376 -19.84 -7.51 -4.75
N LYS A 377 -20.66 -6.95 -3.86
CA LYS A 377 -22.08 -6.72 -4.17
C LYS A 377 -22.30 -5.42 -4.93
N THR A 378 -21.22 -4.68 -5.18
CA THR A 378 -21.32 -3.51 -6.07
C THR A 378 -21.88 -3.89 -7.42
N PRO A 379 -23.00 -3.27 -7.85
CA PRO A 379 -23.47 -3.53 -9.20
C PRO A 379 -22.46 -3.18 -10.28
N PHE A 380 -22.40 -4.00 -11.31
CA PHE A 380 -21.56 -3.70 -12.46
C PHE A 380 -22.22 -4.32 -13.68
N ARG A 381 -22.76 -3.45 -14.54
CA ARG A 381 -23.43 -3.83 -15.77
C ARG A 381 -24.64 -4.72 -15.48
N ASP A 382 -24.69 -5.92 -16.06
CA ASP A 382 -25.89 -6.76 -15.93
C ASP A 382 -25.78 -7.69 -14.73
N GLY A 383 -24.81 -7.45 -13.85
CA GLY A 383 -24.57 -8.30 -12.68
C GLY A 383 -23.88 -7.56 -11.54
N LEU A 384 -23.19 -8.32 -10.69
CA LEU A 384 -22.43 -7.76 -9.57
C LEU A 384 -20.96 -7.87 -9.83
N LEU A 385 -20.17 -7.10 -9.07
CA LEU A 385 -18.73 -7.18 -9.17
C LEU A 385 -18.24 -8.61 -8.88
N LYS A 386 -18.98 -9.33 -8.03
CA LYS A 386 -18.75 -10.75 -7.71
C LYS A 386 -18.48 -11.61 -8.95
N HIS A 387 -19.27 -11.38 -9.99
CA HIS A 387 -19.18 -12.15 -11.23
C HIS A 387 -17.88 -11.87 -11.99
N VAL A 388 -17.42 -10.61 -11.95
CA VAL A 388 -16.14 -10.26 -12.54
C VAL A 388 -14.99 -10.87 -11.71
N ALA A 389 -15.10 -10.78 -10.38
CA ALA A 389 -14.14 -11.38 -9.46
C ALA A 389 -13.96 -12.88 -9.66
N GLU A 390 -15.04 -13.59 -10.00
CA GLU A 390 -14.95 -15.03 -10.35
C GLU A 390 -14.00 -15.23 -11.52
N ASP A 391 -14.18 -14.44 -12.57
CA ASP A 391 -13.34 -14.52 -13.77
C ASP A 391 -11.88 -14.19 -13.48
N VAL A 392 -11.66 -13.13 -12.70
CA VAL A 392 -10.32 -12.65 -12.38
C VAL A 392 -9.55 -13.63 -11.48
N LEU A 393 -10.25 -14.23 -10.51
CA LEU A 393 -9.63 -15.21 -9.61
C LEU A 393 -9.23 -16.44 -10.38
N LYS A 394 -10.08 -16.88 -11.30
CA LYS A 394 -9.74 -18.00 -12.19
C LYS A 394 -8.45 -17.68 -12.95
N LEU A 395 -8.38 -16.49 -13.54
CA LEU A 395 -7.17 -16.05 -14.25
C LEU A 395 -5.92 -16.00 -13.34
N ALA A 396 -6.07 -15.45 -12.15
CA ALA A 396 -4.95 -15.38 -11.18
C ALA A 396 -4.39 -16.75 -10.86
N LYS A 397 -5.28 -17.71 -10.67
CA LYS A 397 -4.91 -19.10 -10.42
C LYS A 397 -4.22 -19.76 -11.62
N ASP A 398 -4.77 -19.54 -12.81
CA ASP A 398 -4.11 -19.92 -14.06
C ASP A 398 -2.65 -19.46 -14.10
N GLY A 399 -2.39 -18.20 -13.80
CA GLY A 399 -1.03 -17.65 -13.85
C GLY A 399 -0.08 -18.24 -12.82
N LEU A 400 -0.56 -18.45 -11.60
CA LEU A 400 0.25 -19.17 -10.58
C LEU A 400 0.55 -20.60 -11.01
N GLU A 401 -0.45 -21.29 -11.52
CA GLU A 401 -0.25 -22.65 -12.00
C GLU A 401 0.84 -22.66 -13.07
N ARG A 402 0.72 -21.79 -14.06
CA ARG A 402 1.68 -21.74 -15.17
C ARG A 402 3.11 -21.40 -14.76
N ARG A 403 3.28 -20.62 -13.70
CA ARG A 403 4.61 -20.32 -13.15
C ARG A 403 5.39 -21.57 -12.72
N GLY A 404 4.70 -22.68 -12.43
CA GLY A 404 5.36 -23.95 -12.12
C GLY A 404 5.99 -24.06 -10.74
N TYR A 405 5.66 -23.14 -9.84
CA TYR A 405 6.20 -23.12 -8.47
C TYR A 405 5.24 -23.63 -7.39
N LYS A 406 4.08 -24.14 -7.79
CA LYS A 406 3.06 -24.63 -6.85
C LYS A 406 2.56 -23.54 -5.86
N GLU A 407 2.36 -22.33 -6.38
CA GLU A 407 2.00 -21.20 -5.53
C GLU A 407 0.49 -20.97 -5.40
N VAL A 408 -0.31 -21.78 -6.08
CA VAL A 408 -1.76 -21.48 -6.19
C VAL A 408 -2.53 -21.57 -4.85
N GLY A 409 -2.06 -22.37 -3.89
CA GLY A 409 -2.68 -22.44 -2.57
C GLY A 409 -2.73 -21.09 -1.84
N PHE A 410 -1.87 -20.15 -2.23
CA PHE A 410 -1.89 -18.79 -1.62
C PHE A 410 -3.15 -18.00 -1.94
N LEU A 411 -3.93 -18.43 -2.92
CA LEU A 411 -5.22 -17.81 -3.20
C LEU A 411 -6.38 -18.51 -2.49
N ASN A 412 -6.06 -19.50 -1.65
CA ASN A 412 -7.10 -20.19 -0.88
C ASN A 412 -7.82 -19.15 0.00
N ALA A 413 -7.05 -18.22 0.56
CA ALA A 413 -7.57 -17.23 1.52
C ALA A 413 -8.55 -16.23 0.91
N VAL A 414 -8.69 -16.20 -0.42
CA VAL A 414 -9.67 -15.35 -1.06
C VAL A 414 -10.68 -16.10 -1.93
N THR A 415 -10.55 -17.41 -2.03
CA THR A 415 -11.42 -18.24 -2.86
C THR A 415 -12.83 -18.24 -2.31
N GLU A 416 -12.94 -18.31 -0.99
CA GLU A 416 -14.25 -18.33 -0.35
C GLU A 416 -14.93 -16.95 -0.43
N VAL A 417 -14.15 -15.88 -0.32
CA VAL A 417 -14.69 -14.53 -0.48
C VAL A 417 -15.37 -14.37 -1.84
N VAL A 418 -14.66 -14.75 -2.90
CA VAL A 418 -15.18 -14.64 -4.28
C VAL A 418 -16.40 -15.52 -4.49
N ARG A 419 -16.30 -16.75 -4.01
CA ARG A 419 -17.37 -17.72 -4.10
C ARG A 419 -18.68 -17.21 -3.50
N THR A 420 -18.60 -16.69 -2.29
CA THR A 420 -19.79 -16.28 -1.55
C THR A 420 -20.18 -14.83 -1.82
N GLY A 421 -19.24 -14.05 -2.35
CA GLY A 421 -19.45 -12.63 -2.54
C GLY A 421 -19.46 -11.85 -1.24
N VAL A 422 -18.87 -12.44 -0.20
CA VAL A 422 -18.85 -11.84 1.14
C VAL A 422 -17.41 -11.47 1.53
N THR A 423 -17.17 -10.17 1.72
CA THR A 423 -15.84 -9.64 2.03
C THR A 423 -15.48 -9.99 3.47
N PRO A 424 -14.16 -9.94 3.80
CA PRO A 424 -13.74 -10.05 5.19
C PRO A 424 -14.41 -9.02 6.10
N ALA A 425 -14.51 -7.78 5.64
CA ALA A 425 -15.20 -6.73 6.40
C ALA A 425 -16.62 -7.15 6.78
N GLU A 426 -17.31 -7.77 5.84
CA GLU A 426 -18.68 -8.25 6.06
C GLU A 426 -18.74 -9.35 7.13
N ASN A 427 -17.79 -10.29 7.09
CA ASN A 427 -17.64 -11.30 8.16
C ASN A 427 -17.42 -10.69 9.54
N LEU A 428 -16.58 -9.65 9.61
CA LEU A 428 -16.39 -8.90 10.87
C LEU A 428 -17.69 -8.26 11.37
N LEU A 429 -18.43 -7.65 10.45
CA LEU A 429 -19.72 -7.01 10.79
C LEU A 429 -20.73 -8.04 11.32
N GLU A 430 -20.69 -9.24 10.74
CA GLU A 430 -21.54 -10.32 11.20
C GLU A 430 -21.20 -10.73 12.65
N MET A 431 -19.93 -10.79 12.96
CA MET A 431 -19.49 -11.09 14.32
C MET A 431 -19.86 -9.96 15.28
N TYR A 432 -19.56 -8.72 14.89
CA TYR A 432 -19.91 -7.53 15.66
C TYR A 432 -21.37 -7.57 16.07
N ASN A 433 -22.25 -7.92 15.15
CA ASN A 433 -23.68 -7.92 15.45
C ASN A 433 -24.16 -9.15 16.19
N GLY A 434 -23.50 -10.28 15.99
CA GLY A 434 -23.85 -11.49 16.71
C GLY A 434 -23.03 -11.59 17.98
N GLU A 435 -21.95 -12.33 17.89
CA GLU A 435 -21.23 -12.83 19.05
C GLU A 435 -20.55 -11.74 19.89
N TRP A 436 -20.14 -10.65 19.25
CA TRP A 436 -19.35 -9.62 19.95
C TRP A 436 -20.17 -8.62 20.77
N GLY A 437 -21.50 -8.71 20.72
CA GLY A 437 -22.36 -7.80 21.47
C GLY A 437 -22.14 -6.35 21.06
N GLN A 438 -22.01 -6.14 19.75
CA GLN A 438 -21.87 -4.82 19.13
C GLN A 438 -20.76 -3.97 19.75
N SER A 439 -19.66 -4.64 20.07
CA SER A 439 -18.41 -4.02 20.42
C SER A 439 -17.35 -4.48 19.42
N VAL A 440 -16.38 -3.61 19.13
CA VAL A 440 -15.24 -4.00 18.29
C VAL A 440 -14.09 -4.60 19.09
N ASP A 441 -14.18 -4.60 20.42
CA ASP A 441 -13.01 -5.06 21.20
C ASP A 441 -12.54 -6.51 20.84
N PRO A 442 -13.48 -7.43 20.58
CA PRO A 442 -13.02 -8.79 20.23
C PRO A 442 -12.24 -8.91 18.92
N VAL A 443 -12.32 -7.92 18.04
CA VAL A 443 -11.51 -7.91 16.81
C VAL A 443 -10.02 -7.94 17.13
N PHE A 444 -9.66 -7.43 18.32
CA PHE A 444 -8.25 -7.40 18.76
C PHE A 444 -7.75 -8.80 19.11
N GLN A 445 -8.67 -9.71 19.41
CA GLN A 445 -8.34 -11.14 19.49
C GLN A 445 -8.54 -11.86 18.13
N GLU A 446 -9.66 -11.56 17.47
CA GLU A 446 -9.97 -12.20 16.18
C GLU A 446 -8.85 -12.00 15.16
N LEU A 447 -8.37 -10.77 15.02
CA LEU A 447 -7.33 -10.45 14.05
C LEU A 447 -5.94 -10.17 14.63
N LEU A 448 -5.65 -10.82 15.76
CA LEU A 448 -4.36 -10.71 16.41
C LEU A 448 -3.38 -11.53 15.61
N TYR A 449 -2.21 -10.97 15.30
CA TYR A 449 -1.15 -11.75 14.67
C TYR A 449 -0.59 -12.77 15.63
#